data_8TIX
#
_entry.id   8TIX
#
_cell.length_a   74.031
_cell.length_b   128.453
_cell.length_c   136.808
_cell.angle_alpha   90.000
_cell.angle_beta   90.000
_cell.angle_gamma   90.000
#
_symmetry.space_group_name_H-M   'I 2 2 2'
#
loop_
_entity.id
_entity.type
_entity.pdbx_description
1 polymer "DNA (5'-D(A*CP*CP*CP*GP*GP*AP*CP*CP*TP*GP*TP*GP*AP*CP*AP*AP*AP*TP*TP*GP*CP*CP*CP*TP*CP*AP*GP*AP*CP*GP*G)-3')"
2 polymer "DNA (5'-D(A*GP*CP*CP*GP*TP*CP*TP*GP*AP*GP*GP*GP*CP*AP*AP*TP*TP*TP*GP*TP*CP*AP*CP*AP*GP*GP*TP*CP*CP*GP*G)-3')"
3 polymer 'Replication initiation protein'
4 non-polymer 'MAGNESIUM ION'
5 water water
#
loop_
_entity_poly.entity_id
_entity_poly.type
_entity_poly.pdbx_seq_one_letter_code
_entity_poly.pdbx_strand_id
1 'polydeoxyribonucleotide'
;(DA)(DC)(DC)(DC)(DG)(DG)(DA)(DC)(DC)(DT)(DG)(DT)(DG)(DA)(DC)(DA)(DA)(DA)(DT)(DT)
(DG)(DC)(DC)(DC)(DT)(DC)(DA)(DG)(DA)(DC)(DG)(DG)
;
A
2 'polydeoxyribonucleotide'
;(DA)(DG)(DC)(DC)(DG)(DT)(DC)(DT)(DG)(DA)(DG)(DG)(DG)(DC)(DA)(DA)(DT)(DT)(DT)(DG)
(DT)(DC)(DA)(DC)(DA)(DG)(DG)(DT)(DC)(DC)(DG)(DG)
;
B
3 'polypeptide(L)'
;MRGSHHHHHHGSMAETAVINHKKRKNSPRIVQSNDLTEAAYSLSRDQKRMLYLFVDQIRKSDGTLQEHDGICEIHVAKYA
EIFGLTSAEASKDIRQALKSFAGKEVVFYRPEEDAGDEKGYESFPWFIKPAHSPSRGLYSVHINPYLIPFFIGLQNRFTQ
FRLSETKEITNPYAMRLYESLCQYRKPDGSGIVSLKIDWIIERYQLPQSYQRMPDFRRRFLQVCVNEINSRTPMRLSYIE
KKKGRQTTHIVFSFRDITSMTTG
;
C
#
# COMPACT_ATOMS: atom_id res chain seq x y z
N SER C 27 -18.47 -3.66 -2.87
CA SER C 27 -17.58 -2.49 -2.85
C SER C 27 -16.43 -2.75 -3.84
N PRO C 28 -15.68 -1.69 -4.20
CA PRO C 28 -14.69 -1.83 -5.28
C PRO C 28 -13.64 -2.90 -4.99
N ARG C 29 -13.41 -3.78 -5.99
CA ARG C 29 -12.43 -4.86 -5.90
C ARG C 29 -11.06 -4.43 -6.47
N ILE C 30 -10.08 -4.20 -5.61
CA ILE C 30 -8.75 -3.91 -6.06
C ILE C 30 -8.13 -5.20 -6.56
N VAL C 31 -7.49 -5.15 -7.73
CA VAL C 31 -6.64 -6.27 -8.13
C VAL C 31 -5.34 -5.63 -8.59
N GLN C 32 -4.24 -6.32 -8.36
CA GLN C 32 -2.98 -5.71 -8.78
C GLN C 32 -1.93 -6.78 -9.05
N SER C 33 -1.04 -6.48 -9.98
CA SER C 33 0.09 -7.34 -10.24
C SER C 33 0.93 -7.55 -9.01
N ASN C 34 1.39 -8.79 -8.83
CA ASN C 34 2.33 -9.04 -7.74
C ASN C 34 3.56 -8.14 -7.84
N ASP C 35 3.92 -7.71 -9.06
CA ASP C 35 5.09 -6.84 -9.22
C ASP C 35 4.92 -5.52 -8.49
N LEU C 36 3.68 -5.05 -8.39
CA LEU C 36 3.40 -3.84 -7.62
C LEU C 36 3.36 -4.12 -6.13
N THR C 37 2.79 -5.23 -5.73
CA THR C 37 2.77 -5.59 -4.31
C THR C 37 4.19 -5.65 -3.73
N GLU C 38 5.15 -6.11 -4.54
CA GLU C 38 6.52 -6.30 -4.06
C GLU C 38 7.48 -5.23 -4.56
N ALA C 39 6.97 -4.16 -5.15
CA ALA C 39 7.84 -3.09 -5.63
C ALA C 39 8.37 -2.27 -4.45
N ALA C 40 9.46 -1.55 -4.70
CA ALA C 40 10.04 -0.66 -3.71
C ALA C 40 9.57 0.77 -3.91
N TYR C 41 8.92 1.32 -2.88
CA TYR C 41 8.46 2.70 -2.94
C TYR C 41 8.09 3.19 -1.55
N SER C 42 7.93 4.51 -1.46
CA SER C 42 7.58 5.16 -0.20
C SER C 42 6.39 6.09 -0.46
N LEU C 43 5.20 5.68 -0.04
CA LEU C 43 4.04 6.53 -0.21
C LEU C 43 3.33 6.71 1.13
N SER C 44 2.70 7.87 1.29
CA SER C 44 1.88 8.11 2.47
C SER C 44 0.53 7.37 2.38
N ARG C 45 -0.20 7.37 3.50
CA ARG C 45 -1.54 6.79 3.52
C ARG C 45 -2.43 7.46 2.47
N ASP C 46 -2.49 8.80 2.49
CA ASP C 46 -3.34 9.52 1.54
C ASP C 46 -2.97 9.21 0.10
N GLN C 47 -1.66 9.12 -0.18
CA GLN C 47 -1.23 8.80 -1.55
C GLN C 47 -1.64 7.37 -1.93
N LYS C 48 -1.48 6.38 -1.03
CA LYS C 48 -1.90 5.02 -1.33
C LYS C 48 -3.40 4.91 -1.55
N ARG C 49 -4.21 5.68 -0.82
CA ARG C 49 -5.65 5.70 -1.02
C ARG C 49 -6.00 6.14 -2.44
N MET C 50 -5.42 7.26 -2.86
CA MET C 50 -5.58 7.72 -4.23
C MET C 50 -5.06 6.67 -5.20
N LEU C 51 -3.91 6.04 -4.86
CA LEU C 51 -3.32 5.07 -5.77
C LEU C 51 -4.31 3.93 -6.02
N TYR C 52 -5.13 3.55 -5.04
CA TYR C 52 -6.10 2.47 -5.28
C TYR C 52 -7.12 2.88 -6.33
N LEU C 53 -7.56 4.14 -6.31
CA LEU C 53 -8.58 4.53 -7.29
C LEU C 53 -7.98 4.65 -8.68
N PHE C 54 -6.74 5.15 -8.78
CA PHE C 54 -6.08 5.17 -10.09
C PHE C 54 -6.00 3.76 -10.67
N VAL C 55 -5.50 2.81 -9.87
CA VAL C 55 -5.42 1.42 -10.34
C VAL C 55 -6.80 0.89 -10.73
N ASP C 56 -7.83 1.27 -9.97
CA ASP C 56 -9.18 0.86 -10.33
C ASP C 56 -9.63 1.50 -11.63
N GLN C 57 -9.37 2.79 -11.79
CA GLN C 57 -9.79 3.48 -12.99
C GLN C 57 -9.08 2.92 -14.22
N ILE C 58 -7.74 2.88 -14.18
CA ILE C 58 -6.94 2.33 -15.27
C ILE C 58 -7.43 0.94 -15.67
N ARG C 59 -7.58 0.05 -14.68
CA ARG C 59 -7.92 -1.35 -14.95
C ARG C 59 -9.28 -1.49 -15.61
N LYS C 60 -10.21 -0.59 -15.32
CA LYS C 60 -11.53 -0.64 -15.91
C LYS C 60 -11.38 0.09 -17.25
N SER C 61 -10.75 -0.62 -18.19
CA SER C 61 -10.49 -0.14 -19.57
C SER C 61 -10.14 -1.27 -20.56
N ASP C 69 -3.95 5.46 -21.83
CA ASP C 69 -3.12 6.66 -21.94
C ASP C 69 -2.63 7.13 -20.57
N GLY C 70 -3.30 6.69 -19.49
CA GLY C 70 -2.85 7.01 -18.15
C GLY C 70 -3.46 8.21 -17.44
N ILE C 71 -4.41 8.91 -18.06
CA ILE C 71 -5.02 10.09 -17.44
C ILE C 71 -6.22 9.66 -16.60
N CYS C 72 -6.14 9.92 -15.30
CA CYS C 72 -7.19 9.58 -14.35
C CYS C 72 -7.77 10.85 -13.72
N GLU C 73 -8.80 10.69 -12.91
CA GLU C 73 -9.50 11.83 -12.36
C GLU C 73 -10.01 11.48 -10.96
N ILE C 74 -10.03 12.48 -10.09
CA ILE C 74 -10.51 12.32 -8.73
C ILE C 74 -11.45 13.48 -8.42
N HIS C 75 -12.63 13.16 -7.92
CA HIS C 75 -13.60 14.15 -7.50
C HIS C 75 -13.53 14.29 -5.98
N VAL C 76 -13.41 15.52 -5.50
CA VAL C 76 -13.37 15.77 -4.04
C VAL C 76 -14.56 15.09 -3.36
N ALA C 77 -15.79 15.33 -3.87
CA ALA C 77 -16.99 14.86 -3.19
C ALA C 77 -17.06 13.33 -3.18
N LYS C 78 -16.52 12.67 -4.21
CA LYS C 78 -16.46 11.20 -4.24
C LYS C 78 -15.46 10.66 -3.21
N TYR C 79 -14.26 11.24 -3.16
CA TYR C 79 -13.26 10.86 -2.17
C TYR C 79 -13.79 11.00 -0.73
N ALA C 80 -14.44 12.14 -0.43
CA ALA C 80 -14.94 12.38 0.92
C ALA C 80 -15.92 11.29 1.35
N GLU C 81 -16.84 10.90 0.47
CA GLU C 81 -17.80 9.88 0.85
C GLU C 81 -17.18 8.50 1.01
N ILE C 82 -16.20 8.16 0.17
CA ILE C 82 -15.57 6.83 0.23
C ILE C 82 -14.87 6.63 1.58
N PHE C 83 -14.12 7.63 2.05
CA PHE C 83 -13.30 7.45 3.26
C PHE C 83 -13.88 8.14 4.49
N GLY C 84 -15.16 8.51 4.47
CA GLY C 84 -15.82 9.18 5.58
C GLY C 84 -15.14 10.42 6.10
N LEU C 85 -14.79 11.30 5.17
CA LEU C 85 -14.16 12.58 5.50
C LEU C 85 -15.11 13.72 5.19
N THR C 86 -14.84 14.88 5.78
CA THR C 86 -15.57 16.07 5.31
C THR C 86 -15.04 16.50 3.94
N SER C 87 -15.82 17.33 3.26
CA SER C 87 -15.34 17.87 1.99
C SER C 87 -14.08 18.70 2.19
N ALA C 88 -14.07 19.53 3.24
CA ALA C 88 -12.91 20.35 3.54
C ALA C 88 -11.66 19.50 3.77
N GLU C 89 -11.75 18.51 4.67
CA GLU C 89 -10.57 17.71 4.98
C GLU C 89 -10.16 16.82 3.82
N ALA C 90 -11.12 16.36 3.01
CA ALA C 90 -10.81 15.70 1.74
C ALA C 90 -9.93 16.57 0.83
N SER C 91 -10.36 17.80 0.54
CA SER C 91 -9.56 18.71 -0.28
C SER C 91 -8.11 18.83 0.20
N LYS C 92 -7.92 19.01 1.51
CA LYS C 92 -6.56 19.09 2.04
C LYS C 92 -5.77 17.81 1.76
N ASP C 93 -6.41 16.65 1.89
CA ASP C 93 -5.68 15.41 1.67
C ASP C 93 -5.28 15.26 0.20
N ILE C 94 -6.22 15.46 -0.74
CA ILE C 94 -5.86 15.38 -2.16
C ILE C 94 -4.73 16.35 -2.51
N ARG C 95 -4.89 17.63 -2.14
CA ARG C 95 -3.90 18.63 -2.56
C ARG C 95 -2.49 18.31 -2.07
N GLN C 96 -2.34 17.95 -0.80
CA GLN C 96 -0.99 17.79 -0.31
C GLN C 96 -0.37 16.50 -0.82
N ALA C 97 -1.16 15.41 -0.82
CA ALA C 97 -0.73 14.16 -1.44
C ALA C 97 -0.23 14.39 -2.85
N LEU C 98 -1.00 15.14 -3.65
CA LEU C 98 -0.73 15.31 -5.07
C LEU C 98 0.58 16.06 -5.31
N LYS C 99 0.82 17.15 -4.56
CA LYS C 99 2.05 17.90 -4.78
C LYS C 99 3.27 17.17 -4.24
N SER C 100 3.07 16.21 -3.38
CA SER C 100 4.15 15.41 -2.85
C SER C 100 4.50 14.22 -3.75
N PHE C 101 3.79 14.01 -4.87
CA PHE C 101 4.17 12.95 -5.82
C PHE C 101 5.39 13.33 -6.64
N ALA C 102 5.59 14.62 -6.86
CA ALA C 102 6.67 15.10 -7.70
C ALA C 102 8.00 14.54 -7.21
N GLY C 103 8.78 13.95 -8.11
CA GLY C 103 10.04 13.36 -7.74
C GLY C 103 9.96 11.97 -7.18
N LYS C 104 8.78 11.49 -6.79
CA LYS C 104 8.68 10.11 -6.32
C LYS C 104 8.93 9.11 -7.44
N GLU C 105 9.53 7.98 -7.08
CA GLU C 105 9.99 6.90 -7.99
C GLU C 105 9.62 5.53 -7.49
N VAL C 106 9.63 4.59 -8.41
CA VAL C 106 9.24 3.22 -8.16
C VAL C 106 10.33 2.30 -8.68
N VAL C 107 10.69 1.25 -7.94
CA VAL C 107 11.74 0.32 -8.36
C VAL C 107 11.12 -1.07 -8.42
N PHE C 108 11.23 -1.74 -9.56
CA PHE C 108 10.79 -3.14 -9.69
C PHE C 108 12.03 -4.03 -9.82
N TYR C 109 12.15 -5.02 -8.91
CA TYR C 109 13.34 -5.86 -8.76
C TYR C 109 13.27 -7.10 -9.65
N TYR C 121 17.35 -4.33 -11.29
CA TYR C 121 16.22 -3.44 -11.02
C TYR C 121 16.01 -2.25 -11.98
N GLU C 122 14.80 -1.71 -11.95
CA GLU C 122 14.39 -0.63 -12.83
C GLU C 122 13.51 0.39 -12.14
N SER C 123 13.88 1.68 -12.23
CA SER C 123 13.20 2.77 -11.55
C SER C 123 12.42 3.65 -12.53
N PHE C 124 11.20 4.06 -12.14
CA PHE C 124 10.29 4.87 -12.93
C PHE C 124 9.68 5.93 -12.03
N PRO C 125 9.37 7.10 -12.58
CA PRO C 125 8.56 8.07 -11.87
C PRO C 125 7.09 7.76 -11.97
N TRP C 126 6.35 8.06 -10.90
CA TRP C 126 4.91 7.83 -10.99
C TRP C 126 4.26 8.77 -12.00
N PHE C 127 4.52 10.07 -11.92
CA PHE C 127 3.90 11.11 -12.76
C PHE C 127 4.89 11.69 -13.76
N ILE C 128 4.43 12.04 -14.96
CA ILE C 128 5.30 12.67 -15.96
C ILE C 128 4.89 14.10 -16.28
N LYS C 129 3.90 14.65 -15.56
CA LYS C 129 3.40 16.03 -15.62
C LYS C 129 2.78 16.36 -14.28
N PRO C 130 2.91 17.60 -13.84
CA PRO C 130 2.25 18.02 -12.60
C PRO C 130 0.72 17.88 -12.73
N ALA C 131 0.08 17.66 -11.59
CA ALA C 131 -1.36 17.69 -11.50
C ALA C 131 -1.91 19.09 -11.72
N HIS C 132 -3.19 19.12 -12.06
CA HIS C 132 -3.91 20.36 -12.31
C HIS C 132 -5.40 20.14 -12.17
N SER C 133 -6.10 21.22 -11.85
CA SER C 133 -7.54 21.21 -11.58
C SER C 133 -8.27 21.97 -12.67
N PRO C 134 -8.94 21.29 -13.61
CA PRO C 134 -9.75 22.02 -14.60
C PRO C 134 -11.00 22.63 -13.99
N SER C 135 -11.68 21.92 -13.10
CA SER C 135 -12.93 22.38 -12.52
C SER C 135 -12.80 22.35 -11.01
N ARG C 136 -13.61 23.17 -10.36
CA ARG C 136 -13.64 23.21 -8.90
C ARG C 136 -14.09 21.86 -8.33
N GLY C 137 -13.28 21.29 -7.45
CA GLY C 137 -13.56 20.01 -6.83
C GLY C 137 -13.12 18.80 -7.64
N LEU C 138 -12.29 18.99 -8.65
CA LEU C 138 -11.98 17.93 -9.59
C LEU C 138 -10.50 18.08 -9.92
N TYR C 139 -9.74 16.98 -9.90
CA TYR C 139 -8.33 17.03 -10.25
C TYR C 139 -8.00 16.06 -11.39
N SER C 140 -7.10 16.50 -12.28
CA SER C 140 -6.66 15.70 -13.41
C SER C 140 -5.18 15.40 -13.30
N VAL C 141 -4.85 14.13 -13.49
CA VAL C 141 -3.52 13.56 -13.27
C VAL C 141 -3.06 12.74 -14.47
N HIS C 142 -1.74 12.72 -14.68
CA HIS C 142 -1.07 12.07 -15.81
C HIS C 142 -0.12 10.98 -15.30
N ILE C 143 -0.61 9.75 -15.20
CA ILE C 143 0.25 8.62 -14.81
C ILE C 143 1.22 8.22 -15.92
N ASN C 144 2.47 7.90 -15.52
CA ASN C 144 3.50 7.35 -16.41
C ASN C 144 2.92 6.19 -17.18
N PRO C 145 2.70 6.32 -18.47
CA PRO C 145 2.12 5.20 -19.24
C PRO C 145 2.95 3.91 -19.20
N TYR C 146 4.25 3.97 -18.93
CA TYR C 146 5.06 2.77 -18.76
C TYR C 146 4.74 1.98 -17.48
N LEU C 147 3.95 2.54 -16.56
CA LEU C 147 3.55 1.80 -15.37
C LEU C 147 2.37 0.87 -15.65
N ILE C 148 1.60 1.13 -16.74
CA ILE C 148 0.41 0.34 -17.02
C ILE C 148 0.63 -1.19 -16.95
N PRO C 149 1.66 -1.72 -17.67
CA PRO C 149 1.79 -3.19 -17.60
C PRO C 149 2.11 -3.71 -16.21
N PHE C 150 2.73 -2.90 -15.33
CA PHE C 150 2.96 -3.34 -13.96
C PHE C 150 1.68 -3.36 -13.13
N PHE C 151 0.67 -2.57 -13.50
CA PHE C 151 -0.56 -2.59 -12.73
C PHE C 151 -1.39 -3.80 -13.07
N ILE C 152 -1.43 -4.14 -14.36
CA ILE C 152 -2.27 -5.22 -14.92
C ILE C 152 -1.35 -6.29 -15.51
N GLY C 153 -1.33 -7.48 -14.90
CA GLY C 153 -0.51 -8.57 -15.40
C GLY C 153 -1.28 -9.71 -16.05
N ARG C 157 -0.97 -14.79 -11.34
CA ARG C 157 0.14 -14.12 -10.66
C ARG C 157 -0.25 -12.70 -10.18
N PHE C 158 -1.30 -12.61 -9.36
CA PHE C 158 -1.91 -11.32 -9.02
C PHE C 158 -2.44 -11.34 -7.59
N THR C 159 -2.70 -10.14 -7.05
CA THR C 159 -3.18 -9.92 -5.68
C THR C 159 -4.54 -9.20 -5.70
N GLN C 160 -5.46 -9.59 -4.80
CA GLN C 160 -6.78 -8.94 -4.80
C GLN C 160 -7.40 -8.88 -3.40
N PHE C 161 -8.12 -7.80 -3.13
CA PHE C 161 -8.74 -7.55 -1.85
C PHE C 161 -9.81 -6.47 -2.07
N ARG C 162 -10.85 -6.51 -1.24
CA ARG C 162 -11.85 -5.46 -1.32
C ARG C 162 -11.42 -4.19 -0.56
N LEU C 163 -11.84 -3.04 -1.09
CA LEU C 163 -11.33 -1.76 -0.58
C LEU C 163 -11.77 -1.53 0.86
N SER C 164 -12.92 -2.06 1.25
CA SER C 164 -13.38 -1.97 2.64
C SER C 164 -12.44 -2.66 3.62
N GLU C 165 -11.62 -3.60 3.15
CA GLU C 165 -10.69 -4.28 4.02
C GLU C 165 -9.62 -3.33 4.58
N THR C 166 -9.25 -2.29 3.82
CA THR C 166 -8.12 -1.43 4.15
C THR C 166 -8.46 0.02 4.48
N LYS C 167 -9.72 0.47 4.34
CA LYS C 167 -9.94 1.92 4.37
C LYS C 167 -9.84 2.54 5.76
N GLU C 168 -9.78 1.73 6.79
CA GLU C 168 -9.54 2.14 8.17
C GLU C 168 -8.10 2.02 8.69
N ILE C 169 -7.19 1.40 7.93
CA ILE C 169 -5.79 1.39 8.33
C ILE C 169 -5.24 2.81 8.22
N THR C 170 -4.44 3.22 9.21
CA THR C 170 -3.85 4.56 9.26
C THR C 170 -2.37 4.58 8.84
N ASN C 171 -1.55 3.62 9.36
CA ASN C 171 -0.11 3.53 9.09
C ASN C 171 0.15 2.95 7.70
N PRO C 172 0.92 3.65 6.84
CA PRO C 172 1.12 3.15 5.46
C PRO C 172 1.87 1.83 5.41
N TYR C 173 2.81 1.63 6.35
CA TYR C 173 3.52 0.36 6.45
C TYR C 173 2.57 -0.76 6.82
N ALA C 174 1.55 -0.43 7.57
CA ALA C 174 0.56 -1.45 7.89
C ALA C 174 -0.30 -1.80 6.70
N MET C 175 -0.57 -0.84 5.82
CA MET C 175 -1.20 -1.16 4.56
C MET C 175 -0.39 -2.10 3.71
N ARG C 176 0.89 -1.80 3.52
N ARG C 176 0.89 -1.79 3.51
CA ARG C 176 1.76 -2.63 2.69
CA ARG C 176 1.75 -2.62 2.68
C ARG C 176 1.80 -4.08 3.19
C ARG C 176 1.81 -4.07 3.18
N LEU C 177 1.87 -4.26 4.50
CA LEU C 177 1.84 -5.60 5.05
C LEU C 177 0.53 -6.32 4.74
N TYR C 178 -0.62 -5.63 4.83
CA TYR C 178 -1.88 -6.32 4.55
C TYR C 178 -1.99 -6.70 3.08
N GLU C 179 -1.38 -5.91 2.20
CA GLU C 179 -1.39 -6.23 0.78
C GLU C 179 -0.53 -7.46 0.52
N SER C 180 0.63 -7.55 1.17
N SER C 180 0.63 -7.54 1.14
CA SER C 180 1.52 -8.64 0.84
CA SER C 180 1.53 -8.65 0.86
C SER C 180 1.05 -9.95 1.44
C SER C 180 1.02 -9.96 1.42
N LEU C 181 0.32 -9.91 2.56
CA LEU C 181 -0.30 -11.12 3.10
C LEU C 181 -1.41 -11.59 2.18
N CYS C 182 -2.18 -10.64 1.62
CA CYS C 182 -3.26 -11.00 0.70
C CYS C 182 -2.75 -11.81 -0.50
N GLN C 183 -1.56 -11.47 -1.00
CA GLN C 183 -0.90 -12.19 -2.09
C GLN C 183 -0.78 -13.70 -1.84
N TYR C 184 -0.79 -14.14 -0.59
CA TYR C 184 -0.67 -15.55 -0.25
C TYR C 184 -1.97 -16.11 0.31
N ARG C 185 -3.04 -15.33 0.32
CA ARG C 185 -4.28 -15.76 0.95
C ARG C 185 -4.96 -16.84 0.10
N LYS C 186 -5.66 -17.79 0.77
CA LYS C 186 -6.44 -18.82 0.07
C LYS C 186 -7.92 -18.41 -0.05
N PRO C 187 -8.69 -19.02 -1.02
CA PRO C 187 -10.14 -18.70 -1.17
C PRO C 187 -10.86 -18.61 0.17
N ASP C 188 -10.61 -19.64 0.99
CA ASP C 188 -11.25 -19.79 2.27
C ASP C 188 -10.77 -18.70 3.29
N GLY C 189 -9.54 -18.19 3.19
CA GLY C 189 -9.23 -16.97 3.94
C GLY C 189 -8.01 -17.06 4.83
N SER C 190 -7.29 -18.16 4.70
CA SER C 190 -6.14 -18.39 5.53
C SER C 190 -4.86 -18.36 4.71
N GLY C 191 -3.74 -18.26 5.40
CA GLY C 191 -2.45 -18.37 4.73
C GLY C 191 -1.32 -18.34 5.73
N ILE C 192 -0.12 -18.61 5.20
CA ILE C 192 1.10 -18.61 5.98
C ILE C 192 2.27 -18.28 5.05
N VAL C 193 3.17 -17.39 5.50
CA VAL C 193 4.30 -16.90 4.69
C VAL C 193 5.47 -16.44 5.57
N SER C 194 6.69 -16.62 5.08
CA SER C 194 7.91 -16.15 5.74
C SER C 194 8.55 -15.04 4.92
N LEU C 195 8.63 -13.84 5.47
CA LEU C 195 9.23 -12.68 4.82
C LEU C 195 10.57 -12.37 5.48
N LYS C 196 11.58 -12.09 4.67
CA LYS C 196 12.90 -11.77 5.21
C LYS C 196 13.01 -10.33 5.68
N ILE C 197 13.71 -10.10 6.81
CA ILE C 197 13.73 -8.76 7.40
C ILE C 197 14.43 -7.80 6.46
N ASP C 198 15.59 -8.18 5.88
CA ASP C 198 16.21 -7.26 4.92
C ASP C 198 15.24 -6.95 3.76
N TRP C 199 14.46 -7.94 3.28
CA TRP C 199 13.52 -7.64 2.19
C TRP C 199 12.37 -6.72 2.64
N ILE C 200 11.86 -6.89 3.87
CA ILE C 200 10.87 -5.95 4.39
C ILE C 200 11.42 -4.53 4.41
N ILE C 201 12.66 -4.36 4.84
CA ILE C 201 13.24 -3.04 4.99
C ILE C 201 13.43 -2.38 3.63
N GLU C 202 13.81 -3.14 2.61
N GLU C 202 13.79 -3.15 2.60
CA GLU C 202 14.06 -2.54 1.30
CA GLU C 202 14.08 -2.57 1.29
C GLU C 202 12.76 -2.25 0.54
C GLU C 202 12.81 -2.28 0.50
N ARG C 203 11.87 -3.24 0.44
CA ARG C 203 10.66 -3.07 -0.36
C ARG C 203 9.75 -2.00 0.22
N TYR C 204 9.58 -1.98 1.56
CA TYR C 204 8.70 -0.99 2.16
C TYR C 204 9.42 0.32 2.48
N GLN C 205 10.76 0.31 2.43
N GLN C 205 10.76 0.34 2.43
CA GLN C 205 11.61 1.49 2.66
CA GLN C 205 11.54 1.56 2.65
C GLN C 205 11.38 2.07 4.06
C GLN C 205 11.39 2.09 4.07
N LEU C 206 11.45 1.19 5.05
CA LEU C 206 11.41 1.60 6.43
C LEU C 206 12.63 2.49 6.70
N PRO C 207 12.52 3.45 7.63
CA PRO C 207 13.65 4.36 7.89
C PRO C 207 14.78 3.68 8.63
N GLN C 208 15.97 4.30 8.59
CA GLN C 208 17.18 3.60 9.01
C GLN C 208 17.22 3.20 10.46
N SER C 209 16.67 3.97 11.37
CA SER C 209 16.79 3.51 12.74
C SER C 209 16.05 2.17 12.99
N TYR C 210 15.22 1.67 12.03
CA TYR C 210 14.58 0.36 12.25
C TYR C 210 15.50 -0.78 11.85
N GLN C 211 16.73 -0.47 11.44
CA GLN C 211 17.77 -1.48 11.34
C GLN C 211 18.26 -1.93 12.69
N ARG C 212 17.92 -1.22 13.77
CA ARG C 212 18.13 -1.74 15.12
C ARG C 212 16.90 -2.53 15.50
N MET C 213 17.06 -3.83 15.70
CA MET C 213 15.92 -4.73 15.83
C MET C 213 14.91 -4.34 16.93
N PRO C 214 15.29 -3.87 18.11
CA PRO C 214 14.24 -3.51 19.08
C PRO C 214 13.38 -2.37 18.58
N ASP C 215 13.94 -1.46 17.79
CA ASP C 215 13.12 -0.41 17.20
C ASP C 215 12.22 -0.97 16.08
N PHE C 216 12.73 -1.93 15.30
CA PHE C 216 11.90 -2.61 14.31
C PHE C 216 10.65 -3.20 14.97
N ARG C 217 10.85 -3.97 16.07
CA ARG C 217 9.74 -4.55 16.84
C ARG C 217 8.76 -3.50 17.34
N ARG C 218 9.29 -2.46 18.00
CA ARG C 218 8.45 -1.57 18.81
C ARG C 218 7.66 -0.62 17.94
N ARG C 219 8.25 -0.05 16.90
CA ARG C 219 7.59 1.03 16.16
C ARG C 219 6.98 0.58 14.83
N PHE C 220 7.30 -0.61 14.34
CA PHE C 220 6.74 -1.13 13.10
C PHE C 220 5.96 -2.42 13.32
N LEU C 221 6.60 -3.51 13.76
CA LEU C 221 5.93 -4.82 13.81
C LEU C 221 4.72 -4.84 14.74
N GLN C 222 4.90 -4.52 16.03
CA GLN C 222 3.77 -4.61 16.96
C GLN C 222 2.62 -3.69 16.59
N VAL C 223 2.91 -2.47 16.14
CA VAL C 223 1.83 -1.53 15.85
C VAL C 223 1.02 -2.01 14.66
N CYS C 224 1.70 -2.49 13.62
CA CYS C 224 1.05 -2.88 12.38
C CYS C 224 0.33 -4.20 12.52
N VAL C 225 0.83 -5.11 13.35
CA VAL C 225 0.02 -6.29 13.61
C VAL C 225 -1.25 -5.90 14.38
N ASN C 226 -1.17 -4.87 15.22
N ASN C 226 -1.14 -4.88 15.24
CA ASN C 226 -2.30 -4.52 16.07
CA ASN C 226 -2.27 -4.46 16.08
C ASN C 226 -3.34 -3.64 15.35
C ASN C 226 -3.33 -3.74 15.27
N GLU C 227 -2.92 -2.88 14.34
CA GLU C 227 -3.91 -2.22 13.47
C GLU C 227 -4.69 -3.27 12.67
N ILE C 228 -3.98 -4.18 11.99
CA ILE C 228 -4.64 -5.23 11.23
C ILE C 228 -5.62 -6.00 12.09
N ASN C 229 -5.18 -6.43 13.28
CA ASN C 229 -6.11 -7.14 14.14
C ASN C 229 -7.30 -6.28 14.60
N SER C 230 -7.17 -4.94 14.61
CA SER C 230 -8.23 -4.07 15.11
C SER C 230 -9.05 -3.40 14.03
N ARG C 231 -8.54 -3.33 12.80
CA ARG C 231 -9.09 -2.48 11.76
C ARG C 231 -9.44 -3.22 10.47
N THR C 232 -9.08 -4.49 10.37
CA THR C 232 -9.40 -5.26 9.18
C THR C 232 -10.21 -6.50 9.60
N PRO C 233 -10.79 -7.24 8.67
CA PRO C 233 -11.46 -8.48 9.06
C PRO C 233 -10.54 -9.67 9.27
N MET C 234 -9.22 -9.55 9.18
N MET C 234 -9.21 -9.48 9.22
CA MET C 234 -8.35 -10.71 9.38
CA MET C 234 -8.19 -10.52 9.39
C MET C 234 -7.77 -10.69 10.79
C MET C 234 -7.81 -10.69 10.86
N ARG C 235 -7.20 -11.82 11.18
CA ARG C 235 -6.73 -11.98 12.54
C ARG C 235 -5.33 -12.58 12.44
N LEU C 236 -4.30 -11.86 12.92
CA LEU C 236 -2.91 -12.11 12.53
C LEU C 236 -2.04 -12.49 13.72
N SER C 237 -1.16 -13.47 13.53
CA SER C 237 -0.16 -13.81 14.56
C SER C 237 1.22 -14.00 13.90
N TYR C 238 2.28 -14.08 14.70
CA TYR C 238 3.61 -14.23 14.10
C TYR C 238 4.59 -14.88 15.07
N ILE C 239 5.73 -15.29 14.51
CA ILE C 239 6.85 -15.85 15.28
C ILE C 239 8.15 -15.49 14.57
N GLU C 240 9.23 -15.38 15.34
CA GLU C 240 10.50 -14.90 14.82
C GLU C 240 11.40 -16.07 14.51
N LYS C 241 12.08 -16.02 13.39
CA LYS C 241 13.02 -17.06 13.09
C LYS C 241 14.41 -16.50 13.34
N LYS C 242 15.23 -17.24 14.08
CA LYS C 242 16.53 -16.69 14.39
C LYS C 242 17.65 -17.57 13.84
N LYS C 243 18.83 -16.99 13.65
CA LYS C 243 19.99 -17.76 13.27
C LYS C 243 21.18 -17.18 14.02
N GLY C 244 21.64 -17.93 15.01
CA GLY C 244 22.63 -17.39 15.90
C GLY C 244 21.97 -16.32 16.71
N ARG C 245 22.62 -15.15 16.81
CA ARG C 245 22.05 -14.00 17.51
C ARG C 245 21.11 -13.14 16.66
N GLN C 246 21.15 -13.23 15.34
CA GLN C 246 20.34 -12.38 14.46
C GLN C 246 18.98 -12.99 14.17
N THR C 247 17.97 -12.12 14.15
CA THR C 247 16.64 -12.49 13.70
C THR C 247 16.62 -12.21 12.20
N THR C 248 16.26 -13.21 11.42
CA THR C 248 16.41 -13.10 9.98
C THR C 248 15.09 -13.02 9.24
N HIS C 249 14.07 -13.73 9.69
CA HIS C 249 12.76 -13.71 9.04
C HIS C 249 11.66 -13.54 10.08
N ILE C 250 10.48 -13.17 9.59
CA ILE C 250 9.27 -13.18 10.41
C ILE C 250 8.26 -14.09 9.70
N VAL C 251 7.67 -15.00 10.46
CA VAL C 251 6.74 -16.00 9.94
C VAL C 251 5.34 -15.60 10.39
N PHE C 252 4.48 -15.29 9.43
CA PHE C 252 3.12 -14.80 9.67
C PHE C 252 2.11 -15.91 9.43
N SER C 253 1.18 -16.09 10.36
CA SER C 253 0.00 -16.93 10.13
C SER C 253 -1.25 -16.08 10.31
N PHE C 254 -2.26 -16.34 9.48
CA PHE C 254 -3.51 -15.60 9.56
C PHE C 254 -4.67 -16.45 9.03
N ARG C 255 -5.87 -16.09 9.52
CA ARG C 255 -7.19 -16.62 9.15
C ARG C 255 -8.18 -15.46 9.01
N ASP C 256 -9.40 -15.77 8.57
CA ASP C 256 -10.47 -14.80 8.38
C ASP C 256 -11.50 -14.91 9.49
N ILE C 257 -12.03 -13.76 9.93
CA ILE C 257 -13.03 -13.73 10.99
C ILE C 257 -14.45 -13.99 10.48
#